data_5DRT
#
_entry.id   5DRT
#
_cell.length_a   158.712
_cell.length_b   158.712
_cell.length_c   73.645
_cell.angle_alpha   90.00
_cell.angle_beta   90.00
_cell.angle_gamma   120.00
#
_symmetry.space_group_name_H-M   'P 63'
#
loop_
_entity.id
_entity.type
_entity.pdbx_description
1 polymer 'Histone-lysine N-methyltransferase, H3 lysine-79 specific'
2 non-polymer 2-({5-[(2-chlorophenoxy)methyl]-1H-tetrazol-1-yl}acetyl)-N-(4-chlorophenyl)hydrazinecarboxamide
3 non-polymer 'POTASSIUM ION'
4 water water
#
_entity_poly.entity_id   1
_entity_poly.type   'polypeptide(L)'
_entity_poly.pdbx_seq_one_letter_code
;GPGEKLELRLKSPVGAEPAVYPWPLPVYDKHHDAAHEIIETIRWVCEEIPDLKLAMENYVLIDYDTKSFESMQRLCDKYN
RAIDSIHQLWKGTTQPMKLNTRPSTGLLRHILQQVYNHSVTDPEKLNNYEPFSPEVYGETSFDLVAQMIDEIKMTDDDLF
VDLGSGVGQVVLQVAAATNCKHHYGVEKADIPAKYAETMDREFRKWMKWYGKKHAEYTLERGDFLSEEWRERIANTSVIF
VNNFAFGPEVDHQLKERFANMKEGGRIVSSKPFAPLNFRINSRNLSDIGTIMRVVELSPLKGSVSWTGKPVSYYLHTIDR
TILENYFSSLKNPG
;
_entity_poly.pdbx_strand_id   A,B
#
# COMPACT_ATOMS: atom_id res chain seq x y z
N LEU A 6 -31.93 -14.00 8.28
CA LEU A 6 -31.35 -12.72 7.87
C LEU A 6 -29.92 -12.85 7.30
N GLU A 7 -29.76 -12.51 6.01
CA GLU A 7 -28.51 -12.61 5.25
C GLU A 7 -28.50 -11.67 4.04
N LEU A 8 -27.32 -11.48 3.44
CA LEU A 8 -27.15 -10.65 2.26
C LEU A 8 -26.57 -11.52 1.16
N ARG A 9 -27.10 -11.38 -0.07
CA ARG A 9 -26.66 -12.16 -1.22
C ARG A 9 -26.17 -11.27 -2.38
N LEU A 10 -25.02 -11.64 -2.98
CA LEU A 10 -24.43 -10.96 -4.15
C LEU A 10 -24.40 -11.90 -5.35
N LYS A 11 -25.05 -11.51 -6.47
CA LYS A 11 -25.09 -12.30 -7.69
C LYS A 11 -23.74 -12.23 -8.42
N SER A 12 -23.27 -13.39 -8.85
CA SER A 12 -22.03 -13.50 -9.60
C SER A 12 -22.17 -12.85 -10.99
N PRO A 13 -21.20 -12.01 -11.43
CA PRO A 13 -21.29 -11.43 -12.78
C PRO A 13 -21.32 -12.47 -13.93
N VAL A 14 -20.90 -13.72 -13.66
CA VAL A 14 -20.81 -14.80 -14.66
C VAL A 14 -21.80 -15.97 -14.42
N GLY A 15 -22.73 -15.81 -13.49
CA GLY A 15 -23.73 -16.84 -13.23
C GLY A 15 -23.35 -17.94 -12.28
N ALA A 16 -22.23 -17.80 -11.54
CA ALA A 16 -21.83 -18.78 -10.53
C ALA A 16 -22.82 -18.66 -9.32
N GLU A 17 -22.70 -19.56 -8.32
CA GLU A 17 -23.55 -19.52 -7.13
C GLU A 17 -23.35 -18.17 -6.40
N PRO A 18 -24.41 -17.52 -5.88
CA PRO A 18 -24.23 -16.21 -5.27
C PRO A 18 -23.36 -16.21 -4.00
N ALA A 19 -22.77 -15.05 -3.68
CA ALA A 19 -21.99 -14.84 -2.46
C ALA A 19 -23.02 -14.61 -1.36
N VAL A 20 -23.01 -15.45 -0.31
CA VAL A 20 -23.98 -15.34 0.80
C VAL A 20 -23.28 -14.93 2.10
N TYR A 21 -23.64 -13.77 2.66
CA TYR A 21 -23.08 -13.26 3.92
C TYR A 21 -24.17 -13.26 5.00
N PRO A 22 -23.89 -13.72 6.25
CA PRO A 22 -24.93 -13.64 7.27
C PRO A 22 -25.03 -12.22 7.85
N TRP A 23 -26.19 -11.91 8.47
CA TRP A 23 -26.39 -10.65 9.17
C TRP A 23 -26.65 -11.02 10.64
N PRO A 24 -25.97 -10.40 11.63
CA PRO A 24 -24.95 -9.32 11.57
C PRO A 24 -23.74 -9.67 10.74
N LEU A 25 -23.24 -8.70 9.95
CA LEU A 25 -22.08 -8.94 9.11
C LEU A 25 -20.80 -9.17 9.93
N PRO A 26 -19.99 -10.17 9.57
CA PRO A 26 -18.73 -10.40 10.32
C PRO A 26 -17.72 -9.25 10.26
N VAL A 27 -16.95 -9.11 11.34
CA VAL A 27 -15.84 -8.16 11.42
C VAL A 27 -14.58 -9.01 11.34
N TYR A 28 -13.68 -8.66 10.43
CA TYR A 28 -12.47 -9.42 10.17
C TYR A 28 -11.32 -9.07 11.11
N ASP A 29 -11.06 -7.78 11.24
CA ASP A 29 -10.07 -7.19 12.14
C ASP A 29 -10.44 -5.73 12.37
N LYS A 30 -9.53 -4.95 12.97
CA LYS A 30 -9.79 -3.54 13.27
C LYS A 30 -9.89 -2.69 12.00
N HIS A 31 -9.32 -3.19 10.87
CA HIS A 31 -9.26 -2.48 9.59
C HIS A 31 -9.96 -3.19 8.39
N HIS A 32 -10.89 -4.13 8.68
CA HIS A 32 -11.67 -4.86 7.67
C HIS A 32 -12.98 -5.40 8.28
N ASP A 33 -14.08 -5.24 7.54
CA ASP A 33 -15.38 -5.83 7.86
C ASP A 33 -16.08 -6.26 6.58
N ALA A 34 -17.00 -7.25 6.65
CA ALA A 34 -17.73 -7.78 5.49
C ALA A 34 -18.53 -6.72 4.70
N ALA A 35 -18.97 -5.64 5.36
CA ALA A 35 -19.73 -4.55 4.75
C ALA A 35 -18.92 -3.83 3.67
N HIS A 36 -17.65 -3.51 3.96
CA HIS A 36 -16.76 -2.85 3.00
C HIS A 36 -16.30 -3.83 1.94
N GLU A 37 -16.25 -5.12 2.28
CA GLU A 37 -15.97 -6.17 1.30
C GLU A 37 -17.10 -6.20 0.28
N ILE A 38 -18.36 -6.10 0.73
CA ILE A 38 -19.53 -6.09 -0.15
C ILE A 38 -19.48 -4.89 -1.12
N ILE A 39 -19.28 -3.68 -0.57
CA ILE A 39 -19.23 -2.43 -1.32
C ILE A 39 -18.09 -2.44 -2.37
N GLU A 40 -16.91 -2.92 -1.99
CA GLU A 40 -15.74 -3.00 -2.87
C GLU A 40 -15.88 -4.06 -3.96
N THR A 41 -16.52 -5.19 -3.65
CA THR A 41 -16.79 -6.26 -4.61
C THR A 41 -17.68 -5.68 -5.72
N ILE A 42 -18.81 -5.03 -5.35
CA ILE A 42 -19.73 -4.36 -6.28
C ILE A 42 -18.95 -3.36 -7.17
N ARG A 43 -18.10 -2.50 -6.55
CA ARG A 43 -17.31 -1.50 -7.26
C ARG A 43 -16.34 -2.11 -8.29
N TRP A 44 -15.63 -3.19 -7.90
CA TRP A 44 -14.72 -3.92 -8.79
C TRP A 44 -15.48 -4.53 -9.97
N VAL A 45 -16.65 -5.17 -9.73
CA VAL A 45 -17.50 -5.73 -10.80
C VAL A 45 -18.01 -4.62 -11.76
N CYS A 46 -18.32 -3.41 -11.24
CA CYS A 46 -18.73 -2.25 -12.05
C CYS A 46 -17.58 -1.71 -12.90
N GLU A 47 -16.33 -1.88 -12.43
CA GLU A 47 -15.18 -1.42 -13.20
C GLU A 47 -14.88 -2.38 -14.34
N GLU A 48 -14.98 -3.70 -14.09
CA GLU A 48 -14.71 -4.68 -15.12
C GLU A 48 -15.90 -4.85 -16.10
N ILE A 49 -17.11 -4.35 -15.74
CA ILE A 49 -18.31 -4.37 -16.60
C ILE A 49 -18.87 -2.94 -16.75
N PRO A 50 -18.42 -2.18 -17.77
CA PRO A 50 -18.95 -0.81 -17.97
C PRO A 50 -20.47 -0.67 -18.14
N ASP A 51 -21.15 -1.71 -18.73
CA ASP A 51 -22.62 -1.67 -18.91
C ASP A 51 -23.35 -1.65 -17.56
N LEU A 52 -22.78 -2.36 -16.56
CA LEU A 52 -23.29 -2.49 -15.19
C LEU A 52 -23.35 -1.13 -14.52
N LYS A 53 -22.33 -0.26 -14.78
CA LYS A 53 -22.21 1.11 -14.30
C LYS A 53 -23.42 1.94 -14.70
N LEU A 54 -23.87 1.80 -15.97
CA LEU A 54 -25.04 2.48 -16.54
C LEU A 54 -26.35 2.03 -15.91
N ALA A 55 -26.52 0.70 -15.68
CA ALA A 55 -27.73 0.13 -15.06
C ALA A 55 -27.87 0.57 -13.60
N MET A 56 -26.74 0.51 -12.85
CA MET A 56 -26.62 0.91 -11.46
C MET A 56 -27.00 2.40 -11.31
N GLU A 57 -27.89 2.72 -10.34
CA GLU A 57 -28.29 4.10 -10.06
C GLU A 57 -27.11 4.82 -9.44
N ASN A 58 -26.96 6.13 -9.73
CA ASN A 58 -25.85 6.95 -9.26
C ASN A 58 -25.68 7.00 -7.73
N TYR A 59 -26.78 7.24 -6.98
CA TYR A 59 -26.80 7.38 -5.52
C TYR A 59 -26.45 6.14 -4.69
N VAL A 60 -26.82 4.93 -5.16
CA VAL A 60 -26.71 3.64 -4.46
C VAL A 60 -25.37 3.46 -3.71
N LEU A 61 -24.23 3.59 -4.39
CA LEU A 61 -22.92 3.39 -3.75
C LEU A 61 -22.32 4.65 -3.05
N ILE A 62 -23.14 5.69 -2.84
CA ILE A 62 -22.79 6.96 -2.16
C ILE A 62 -23.51 7.02 -0.80
N ASP A 63 -24.85 6.94 -0.82
CA ASP A 63 -25.72 6.99 0.36
C ASP A 63 -25.96 5.60 0.93
N TYR A 64 -25.10 5.18 1.88
CA TYR A 64 -25.24 3.86 2.54
C TYR A 64 -24.86 3.88 4.03
N ASP A 65 -25.54 3.01 4.82
CA ASP A 65 -25.33 2.80 6.25
C ASP A 65 -25.01 1.32 6.46
N THR A 66 -23.74 1.02 6.83
CA THR A 66 -23.22 -0.35 7.03
C THR A 66 -23.76 -1.03 8.29
N LYS A 67 -24.38 -0.24 9.21
CA LYS A 67 -24.94 -0.75 10.45
C LYS A 67 -26.45 -0.84 10.37
N SER A 68 -26.99 -0.85 9.14
CA SER A 68 -28.44 -0.95 8.88
C SER A 68 -28.69 -2.06 7.87
N PHE A 69 -29.46 -3.10 8.29
CA PHE A 69 -29.76 -4.26 7.44
C PHE A 69 -30.50 -3.86 6.17
N GLU A 70 -31.58 -3.06 6.30
CA GLU A 70 -32.39 -2.58 5.19
C GLU A 70 -31.55 -1.79 4.19
N SER A 71 -30.63 -0.94 4.69
CA SER A 71 -29.71 -0.13 3.88
C SER A 71 -28.78 -1.00 3.04
N MET A 72 -28.17 -2.04 3.69
CA MET A 72 -27.23 -2.99 3.07
C MET A 72 -27.94 -3.91 2.09
N GLN A 73 -29.25 -4.16 2.32
CA GLN A 73 -30.05 -5.03 1.46
C GLN A 73 -30.46 -4.30 0.19
N ARG A 74 -30.77 -3.00 0.28
CA ARG A 74 -31.15 -2.15 -0.86
C ARG A 74 -29.96 -2.01 -1.81
N LEU A 75 -28.75 -1.91 -1.23
CA LEU A 75 -27.49 -1.79 -1.94
C LEU A 75 -27.22 -3.08 -2.71
N CYS A 76 -27.36 -4.26 -2.04
CA CYS A 76 -27.14 -5.59 -2.60
C CYS A 76 -28.14 -5.89 -3.70
N ASP A 77 -29.41 -5.51 -3.49
CA ASP A 77 -30.51 -5.69 -4.44
C ASP A 77 -30.35 -4.80 -5.67
N LYS A 78 -29.94 -3.52 -5.50
CA LYS A 78 -29.74 -2.60 -6.62
C LYS A 78 -28.61 -3.09 -7.54
N TYR A 79 -27.63 -3.86 -7.00
CA TYR A 79 -26.53 -4.45 -7.76
C TYR A 79 -27.05 -5.69 -8.47
N ASN A 80 -27.79 -6.55 -7.73
CA ASN A 80 -28.36 -7.77 -8.28
C ASN A 80 -29.32 -7.50 -9.40
N ARG A 81 -30.17 -6.46 -9.25
CA ARG A 81 -31.14 -6.06 -10.29
C ARG A 81 -30.37 -5.55 -11.52
N ALA A 82 -29.18 -4.94 -11.30
CA ALA A 82 -28.35 -4.43 -12.38
C ALA A 82 -27.66 -5.58 -13.13
N ILE A 83 -27.18 -6.64 -12.39
CA ILE A 83 -26.59 -7.88 -12.93
C ILE A 83 -27.63 -8.56 -13.82
N ASP A 84 -28.87 -8.72 -13.30
CA ASP A 84 -30.00 -9.30 -14.03
C ASP A 84 -30.27 -8.59 -15.36
N SER A 85 -30.28 -7.23 -15.36
CA SER A 85 -30.48 -6.37 -16.54
C SER A 85 -29.40 -6.55 -17.59
N ILE A 86 -28.13 -6.69 -17.15
CA ILE A 86 -26.97 -6.87 -18.02
C ILE A 86 -27.00 -8.30 -18.60
N HIS A 87 -27.29 -9.31 -17.76
CA HIS A 87 -27.45 -10.71 -18.16
C HIS A 87 -28.55 -10.86 -19.21
N GLN A 88 -29.61 -10.00 -19.16
CA GLN A 88 -30.69 -9.96 -20.17
C GLN A 88 -30.20 -9.36 -21.48
N LEU A 89 -29.38 -8.30 -21.42
CA LEU A 89 -28.81 -7.58 -22.56
C LEU A 89 -27.83 -8.47 -23.33
N TRP A 90 -27.15 -9.37 -22.60
CA TRP A 90 -26.18 -10.33 -23.12
C TRP A 90 -26.84 -11.49 -23.89
N LYS A 91 -28.13 -11.77 -23.61
CA LYS A 91 -28.89 -12.80 -24.33
C LYS A 91 -29.00 -12.35 -25.79
N GLY A 92 -29.50 -11.12 -25.99
CA GLY A 92 -29.61 -10.48 -27.31
C GLY A 92 -28.28 -10.08 -27.93
N ASN A 100 -13.19 -16.20 -19.70
CA ASN A 100 -12.36 -16.23 -18.51
C ASN A 100 -10.93 -15.69 -18.77
N THR A 101 -10.67 -14.42 -18.37
CA THR A 101 -9.38 -13.72 -18.50
C THR A 101 -8.62 -13.71 -17.15
N ARG A 102 -7.40 -13.16 -17.12
CA ARG A 102 -6.65 -13.06 -15.87
C ARG A 102 -7.16 -11.83 -15.11
N PRO A 103 -7.17 -11.83 -13.76
CA PRO A 103 -7.63 -10.63 -13.07
C PRO A 103 -6.64 -9.47 -13.19
N SER A 104 -7.13 -8.23 -13.11
CA SER A 104 -6.26 -7.06 -13.10
C SER A 104 -5.51 -7.08 -11.76
N THR A 105 -4.40 -6.31 -11.62
CA THR A 105 -3.65 -6.30 -10.36
C THR A 105 -4.55 -5.86 -9.20
N GLY A 106 -5.32 -4.78 -9.44
CA GLY A 106 -6.28 -4.22 -8.50
C GLY A 106 -7.29 -5.23 -8.00
N LEU A 107 -7.96 -5.94 -8.93
CA LEU A 107 -8.94 -6.97 -8.59
C LEU A 107 -8.28 -8.12 -7.79
N LEU A 108 -7.08 -8.58 -8.21
CA LEU A 108 -6.37 -9.64 -7.53
C LEU A 108 -6.09 -9.33 -6.07
N ARG A 109 -5.67 -8.09 -5.73
CA ARG A 109 -5.40 -7.72 -4.34
C ARG A 109 -6.65 -7.88 -3.50
N HIS A 110 -7.80 -7.41 -4.02
CA HIS A 110 -9.12 -7.52 -3.41
C HIS A 110 -9.52 -9.03 -3.25
N ILE A 111 -9.36 -9.86 -4.31
CA ILE A 111 -9.65 -11.30 -4.27
C ILE A 111 -8.82 -12.00 -3.16
N LEU A 112 -7.51 -11.74 -3.09
CA LEU A 112 -6.64 -12.31 -2.06
C LEU A 112 -7.07 -11.88 -0.66
N GLN A 113 -7.44 -10.59 -0.48
CA GLN A 113 -7.92 -10.09 0.81
C GLN A 113 -9.23 -10.81 1.20
N GLN A 114 -10.14 -10.98 0.21
CA GLN A 114 -11.43 -11.66 0.34
C GLN A 114 -11.24 -13.13 0.78
N VAL A 115 -10.34 -13.85 0.07
CA VAL A 115 -9.94 -15.24 0.34
C VAL A 115 -9.37 -15.35 1.77
N TYR A 116 -8.41 -14.49 2.14
CA TYR A 116 -7.82 -14.47 3.47
C TYR A 116 -8.88 -14.26 4.55
N ASN A 117 -9.73 -13.24 4.40
CA ASN A 117 -10.76 -12.84 5.36
C ASN A 117 -11.76 -13.94 5.67
N HIS A 118 -12.11 -14.73 4.63
CA HIS A 118 -13.02 -15.86 4.71
C HIS A 118 -12.33 -17.15 5.19
N SER A 119 -11.00 -17.26 5.08
CA SER A 119 -10.26 -18.46 5.45
C SER A 119 -9.68 -18.44 6.86
N VAL A 120 -9.05 -17.33 7.25
CA VAL A 120 -8.40 -17.19 8.55
C VAL A 120 -9.40 -16.50 9.48
N THR A 121 -10.26 -17.32 10.10
CA THR A 121 -11.34 -16.90 11.00
C THR A 121 -10.82 -16.54 12.40
N ASP A 122 -9.75 -17.22 12.88
CA ASP A 122 -9.12 -16.91 14.16
C ASP A 122 -7.71 -16.40 13.84
N PRO A 123 -7.55 -15.07 13.63
CA PRO A 123 -6.23 -14.54 13.24
C PRO A 123 -5.18 -14.53 14.36
N GLU A 124 -5.62 -14.69 15.62
CA GLU A 124 -4.77 -14.75 16.81
C GLU A 124 -3.72 -15.87 16.68
N LYS A 125 -4.15 -17.04 16.13
CA LYS A 125 -3.35 -18.25 15.90
C LYS A 125 -2.12 -18.06 14.98
N LEU A 126 -2.11 -17.04 14.09
CA LEU A 126 -0.99 -16.76 13.16
C LEU A 126 0.00 -15.73 13.72
N PHE A 132 6.32 -9.43 8.52
CA PHE A 132 5.35 -9.14 7.46
C PHE A 132 4.25 -10.25 7.38
N SER A 133 3.41 -10.30 8.43
CA SER A 133 2.31 -11.27 8.68
C SER A 133 1.25 -11.38 7.54
N PRO A 134 0.50 -12.52 7.46
CA PRO A 134 -0.53 -12.67 6.41
C PRO A 134 -1.63 -11.61 6.37
N GLU A 135 -1.95 -11.02 7.54
CA GLU A 135 -2.95 -9.96 7.71
C GLU A 135 -2.67 -8.76 6.82
N VAL A 136 -1.38 -8.34 6.78
CA VAL A 136 -0.90 -7.17 6.03
C VAL A 136 -0.38 -7.50 4.63
N TYR A 137 -0.65 -8.73 4.13
CA TYR A 137 -0.16 -9.14 2.81
C TYR A 137 -0.55 -8.17 1.69
N GLY A 138 -1.81 -7.75 1.66
CA GLY A 138 -2.32 -6.86 0.64
C GLY A 138 -1.80 -5.44 0.77
N GLU A 139 -1.42 -5.03 1.99
CA GLU A 139 -0.98 -3.66 2.28
C GLU A 139 0.53 -3.46 2.21
N THR A 140 1.34 -4.53 2.04
CA THR A 140 2.80 -4.39 1.98
C THR A 140 3.48 -5.34 0.93
N SER A 141 3.32 -6.65 1.13
CA SER A 141 3.89 -7.72 0.34
C SER A 141 3.36 -7.84 -1.09
N PHE A 142 2.04 -7.65 -1.29
CA PHE A 142 1.40 -7.78 -2.61
C PHE A 142 2.15 -7.01 -3.71
N ASP A 143 2.45 -5.73 -3.48
CA ASP A 143 3.13 -4.90 -4.48
C ASP A 143 4.55 -5.32 -4.77
N LEU A 144 5.29 -5.84 -3.76
CA LEU A 144 6.65 -6.35 -3.99
C LEU A 144 6.58 -7.60 -4.85
N VAL A 145 5.66 -8.55 -4.50
CA VAL A 145 5.44 -9.80 -5.24
C VAL A 145 5.04 -9.50 -6.70
N ALA A 146 4.19 -8.47 -6.92
CA ALA A 146 3.74 -8.04 -8.25
C ALA A 146 4.98 -7.59 -9.08
N GLN A 147 5.86 -6.81 -8.43
CA GLN A 147 7.14 -6.32 -8.96
C GLN A 147 8.08 -7.48 -9.30
N MET A 148 8.10 -8.56 -8.48
CA MET A 148 8.89 -9.79 -8.70
C MET A 148 8.39 -10.55 -9.92
N ILE A 149 7.05 -10.71 -10.04
CA ILE A 149 6.37 -11.37 -11.16
C ILE A 149 6.73 -10.66 -12.51
N ASP A 150 6.76 -9.31 -12.52
CA ASP A 150 7.14 -8.52 -13.69
C ASP A 150 8.62 -8.62 -14.06
N GLU A 151 9.50 -8.88 -13.08
CA GLU A 151 10.95 -8.95 -13.27
C GLU A 151 11.40 -10.34 -13.71
N ILE A 152 10.94 -11.37 -13.00
CA ILE A 152 11.24 -12.77 -13.27
C ILE A 152 10.23 -13.22 -14.30
N LYS A 153 10.61 -13.22 -15.56
CA LYS A 153 9.61 -13.61 -16.55
C LYS A 153 9.50 -15.11 -16.61
N MET A 154 8.26 -15.60 -16.59
CA MET A 154 7.90 -17.01 -16.54
C MET A 154 7.02 -17.43 -17.71
N THR A 155 7.31 -18.60 -18.25
CA THR A 155 6.66 -19.18 -19.40
C THR A 155 5.97 -20.47 -19.03
N ASP A 156 5.30 -21.09 -20.01
CA ASP A 156 4.54 -22.34 -19.91
C ASP A 156 5.43 -23.56 -19.69
N ASP A 157 6.75 -23.37 -19.76
CA ASP A 157 7.78 -24.38 -19.53
C ASP A 157 8.24 -24.39 -18.09
N ASP A 158 8.07 -23.27 -17.39
CA ASP A 158 8.51 -23.20 -16.01
C ASP A 158 7.64 -23.95 -15.03
N LEU A 159 8.27 -24.36 -13.93
CA LEU A 159 7.64 -24.97 -12.77
C LEU A 159 8.04 -24.06 -11.63
N PHE A 160 7.05 -23.56 -10.87
CA PHE A 160 7.29 -22.64 -9.77
C PHE A 160 7.10 -23.31 -8.39
N VAL A 161 8.02 -23.05 -7.44
CA VAL A 161 7.90 -23.54 -6.04
C VAL A 161 8.20 -22.41 -5.07
N ASP A 162 7.33 -22.20 -4.10
CA ASP A 162 7.51 -21.27 -2.98
C ASP A 162 7.78 -22.17 -1.74
N LEU A 163 9.05 -22.17 -1.28
CA LEU A 163 9.52 -22.98 -0.14
C LEU A 163 9.20 -22.30 1.19
N GLY A 164 8.23 -22.86 1.92
CA GLY A 164 7.72 -22.25 3.15
C GLY A 164 6.66 -21.24 2.77
N SER A 165 5.58 -21.74 2.18
CA SER A 165 4.52 -20.95 1.60
C SER A 165 3.48 -20.37 2.57
N GLY A 166 3.54 -20.76 3.85
CA GLY A 166 2.61 -20.30 4.89
C GLY A 166 1.16 -20.61 4.53
N VAL A 167 0.29 -19.56 4.56
CA VAL A 167 -1.14 -19.68 4.20
C VAL A 167 -1.31 -19.78 2.65
N GLY A 168 -0.25 -19.48 1.90
CA GLY A 168 -0.21 -19.66 0.46
C GLY A 168 -0.50 -18.50 -0.45
N GLN A 169 -0.51 -17.25 0.07
CA GLN A 169 -0.83 -16.07 -0.74
C GLN A 169 0.15 -15.75 -1.88
N VAL A 170 1.45 -16.05 -1.74
CA VAL A 170 2.42 -15.78 -2.80
C VAL A 170 2.14 -16.72 -3.97
N VAL A 171 1.83 -18.00 -3.69
CA VAL A 171 1.51 -19.01 -4.69
C VAL A 171 0.26 -18.62 -5.47
N LEU A 172 -0.81 -18.20 -4.75
CA LEU A 172 -2.09 -17.76 -5.37
C LEU A 172 -1.87 -16.52 -6.26
N GLN A 173 -0.99 -15.58 -5.83
CA GLN A 173 -0.68 -14.40 -6.62
C GLN A 173 0.08 -14.73 -7.90
N VAL A 174 1.14 -15.54 -7.80
CA VAL A 174 1.93 -15.97 -8.95
C VAL A 174 1.02 -16.78 -9.90
N ALA A 175 0.23 -17.73 -9.36
CA ALA A 175 -0.67 -18.56 -10.16
C ALA A 175 -1.74 -17.77 -10.91
N ALA A 176 -2.18 -16.63 -10.34
CA ALA A 176 -3.19 -15.79 -11.00
C ALA A 176 -2.54 -14.92 -12.07
N ALA A 177 -1.23 -14.67 -11.97
CA ALA A 177 -0.50 -13.80 -12.88
C ALA A 177 0.26 -14.50 -14.01
N THR A 178 0.82 -15.71 -13.77
CA THR A 178 1.67 -16.39 -14.74
C THR A 178 1.03 -17.61 -15.43
N ASN A 179 1.75 -18.16 -16.41
CA ASN A 179 1.36 -19.31 -17.23
C ASN A 179 2.26 -20.55 -17.01
N CYS A 180 2.92 -20.67 -15.82
CA CYS A 180 3.77 -21.82 -15.47
C CYS A 180 2.96 -23.09 -15.61
N LYS A 181 3.63 -24.20 -15.99
CA LYS A 181 3.05 -25.55 -16.08
C LYS A 181 2.27 -25.82 -14.77
N HIS A 182 2.93 -25.57 -13.60
CA HIS A 182 2.37 -25.75 -12.26
C HIS A 182 3.07 -24.84 -11.23
N HIS A 183 2.38 -24.49 -10.14
CA HIS A 183 2.86 -23.65 -9.03
C HIS A 183 2.68 -24.40 -7.74
N TYR A 184 3.73 -24.59 -6.97
CA TYR A 184 3.65 -25.31 -5.72
C TYR A 184 3.97 -24.43 -4.53
N GLY A 185 3.30 -24.73 -3.45
CA GLY A 185 3.50 -24.15 -2.14
C GLY A 185 3.73 -25.32 -1.19
N VAL A 186 4.88 -25.30 -0.47
CA VAL A 186 5.21 -26.34 0.51
C VAL A 186 5.41 -25.68 1.90
N GLU A 187 4.62 -26.11 2.89
CA GLU A 187 4.66 -25.62 4.28
C GLU A 187 4.73 -26.80 5.28
N LYS A 188 5.71 -26.75 6.18
CA LYS A 188 5.95 -27.77 7.21
C LYS A 188 5.04 -27.53 8.41
N ALA A 189 4.88 -26.25 8.85
CA ALA A 189 4.09 -25.86 10.02
C ALA A 189 2.60 -26.22 9.93
N ASP A 190 2.06 -26.78 11.03
CA ASP A 190 0.68 -27.28 11.14
C ASP A 190 -0.41 -26.22 10.92
N ILE A 191 -0.40 -25.11 11.70
CA ILE A 191 -1.43 -24.06 11.64
C ILE A 191 -1.49 -23.42 10.24
N PRO A 192 -0.40 -22.84 9.64
CA PRO A 192 -0.54 -22.28 8.29
C PRO A 192 -0.91 -23.31 7.19
N ALA A 193 -0.33 -24.54 7.23
CA ALA A 193 -0.63 -25.61 6.26
C ALA A 193 -2.11 -25.98 6.25
N LYS A 194 -2.77 -25.96 7.45
CA LYS A 194 -4.19 -26.24 7.62
C LYS A 194 -5.02 -25.06 7.08
N TYR A 195 -4.59 -23.80 7.33
CA TYR A 195 -5.27 -22.61 6.80
C TYR A 195 -5.15 -22.54 5.27
N ALA A 196 -4.01 -23.04 4.71
CA ALA A 196 -3.77 -23.06 3.27
C ALA A 196 -4.82 -23.91 2.54
N GLU A 197 -5.34 -24.96 3.21
CA GLU A 197 -6.38 -25.85 2.66
C GLU A 197 -7.67 -25.09 2.38
N THR A 198 -8.05 -24.17 3.30
CA THR A 198 -9.24 -23.34 3.16
C THR A 198 -8.99 -22.26 2.11
N MET A 199 -7.80 -21.59 2.14
CA MET A 199 -7.37 -20.55 1.20
C MET A 199 -7.50 -21.07 -0.24
N ASP A 200 -7.01 -22.30 -0.47
CA ASP A 200 -7.06 -23.01 -1.75
C ASP A 200 -8.52 -23.13 -2.25
N ARG A 201 -9.42 -23.68 -1.40
CA ARG A 201 -10.83 -23.84 -1.72
C ARG A 201 -11.51 -22.48 -1.98
N GLU A 202 -11.27 -21.49 -1.09
CA GLU A 202 -11.85 -20.15 -1.19
C GLU A 202 -11.34 -19.39 -2.44
N PHE A 203 -10.05 -19.55 -2.79
CA PHE A 203 -9.46 -18.89 -3.97
C PHE A 203 -10.13 -19.39 -5.23
N ARG A 204 -10.25 -20.72 -5.38
CA ARG A 204 -10.91 -21.36 -6.52
C ARG A 204 -12.37 -20.93 -6.62
N LYS A 205 -13.06 -20.82 -5.47
CA LYS A 205 -14.48 -20.42 -5.39
C LYS A 205 -14.64 -18.95 -5.82
N TRP A 206 -13.84 -18.02 -5.25
CA TRP A 206 -13.94 -16.60 -5.60
C TRP A 206 -13.51 -16.33 -7.04
N MET A 207 -12.45 -16.99 -7.53
CA MET A 207 -12.01 -16.81 -8.92
C MET A 207 -13.12 -17.21 -9.91
N LYS A 208 -13.87 -18.31 -9.61
CA LYS A 208 -14.99 -18.79 -10.43
C LYS A 208 -16.12 -17.75 -10.39
N TRP A 209 -16.35 -17.14 -9.21
CA TRP A 209 -17.39 -16.13 -8.94
C TRP A 209 -17.26 -14.91 -9.85
N TYR A 210 -16.04 -14.39 -9.97
CA TYR A 210 -15.70 -13.23 -10.79
C TYR A 210 -15.48 -13.61 -12.24
N GLY A 211 -15.35 -14.91 -12.50
CA GLY A 211 -15.13 -15.48 -13.82
C GLY A 211 -13.73 -15.28 -14.33
N LYS A 212 -12.75 -15.34 -13.40
CA LYS A 212 -11.31 -15.17 -13.68
C LYS A 212 -10.55 -16.48 -13.77
N LYS A 213 -9.52 -16.49 -14.60
CA LYS A 213 -8.65 -17.63 -14.91
C LYS A 213 -7.36 -17.56 -14.07
N HIS A 214 -6.84 -18.73 -13.71
CA HIS A 214 -5.58 -18.89 -13.01
C HIS A 214 -4.87 -20.13 -13.52
N ALA A 215 -3.58 -20.20 -13.30
CA ALA A 215 -2.74 -21.33 -13.65
C ALA A 215 -2.98 -22.44 -12.62
N GLU A 216 -2.51 -23.65 -12.90
CA GLU A 216 -2.68 -24.75 -11.95
C GLU A 216 -1.74 -24.55 -10.80
N TYR A 217 -2.19 -24.86 -9.58
CA TYR A 217 -1.34 -24.73 -8.39
C TYR A 217 -1.70 -25.79 -7.37
N THR A 218 -0.76 -26.13 -6.50
CA THR A 218 -0.97 -27.07 -5.41
C THR A 218 -0.36 -26.47 -4.15
N LEU A 219 -1.11 -26.48 -3.05
CA LEU A 219 -0.62 -26.06 -1.74
C LEU A 219 -0.54 -27.34 -0.92
N GLU A 220 0.67 -27.74 -0.51
CA GLU A 220 0.86 -29.00 0.22
C GLU A 220 1.63 -28.86 1.51
N ARG A 221 1.38 -29.79 2.44
CA ARG A 221 2.07 -29.89 3.73
C ARG A 221 3.33 -30.72 3.44
N GLY A 222 4.47 -30.33 4.01
CA GLY A 222 5.71 -31.06 3.82
C GLY A 222 6.95 -30.32 4.26
N ASP A 223 8.07 -31.06 4.34
CA ASP A 223 9.40 -30.53 4.69
C ASP A 223 10.20 -30.49 3.38
N PHE A 224 10.60 -29.29 2.94
CA PHE A 224 11.34 -29.14 1.68
C PHE A 224 12.79 -29.65 1.77
N LEU A 225 13.21 -30.11 2.96
CA LEU A 225 14.54 -30.69 3.15
C LEU A 225 14.50 -32.24 3.18
N SER A 226 13.33 -32.83 2.93
CA SER A 226 13.13 -34.27 2.89
C SER A 226 13.71 -34.88 1.60
N GLU A 227 13.91 -36.21 1.55
CA GLU A 227 14.42 -36.90 0.35
C GLU A 227 13.49 -36.70 -0.86
N GLU A 228 12.17 -36.73 -0.60
CA GLU A 228 11.09 -36.52 -1.58
C GLU A 228 11.33 -35.20 -2.32
N TRP A 229 11.56 -34.10 -1.55
CA TRP A 229 11.75 -32.76 -2.08
C TRP A 229 13.15 -32.49 -2.69
N ARG A 230 14.10 -33.43 -2.56
CA ARG A 230 15.43 -33.29 -3.15
C ARG A 230 15.36 -33.31 -4.70
N GLU A 231 14.64 -34.31 -5.27
CA GLU A 231 14.47 -34.46 -6.72
C GLU A 231 13.52 -33.41 -7.26
N ARG A 232 12.52 -33.00 -6.43
CA ARG A 232 11.53 -31.97 -6.75
C ARG A 232 12.15 -30.60 -6.90
N ILE A 233 13.09 -30.22 -6.01
CA ILE A 233 13.84 -28.95 -6.10
C ILE A 233 14.71 -28.97 -7.38
N ALA A 234 15.39 -30.11 -7.63
CA ALA A 234 16.24 -30.35 -8.78
C ALA A 234 15.52 -30.14 -10.12
N ASN A 235 14.17 -30.36 -10.16
CA ASN A 235 13.35 -30.23 -11.36
C ASN A 235 12.52 -28.94 -11.42
N THR A 236 12.69 -28.06 -10.42
CA THR A 236 12.04 -26.75 -10.36
C THR A 236 12.87 -25.72 -11.17
N SER A 237 12.21 -24.92 -11.99
CA SER A 237 12.94 -23.91 -12.75
C SER A 237 12.92 -22.56 -12.04
N VAL A 238 11.88 -22.29 -11.20
CA VAL A 238 11.75 -21.04 -10.45
C VAL A 238 11.42 -21.31 -8.97
N ILE A 239 12.36 -21.01 -8.05
CA ILE A 239 12.17 -21.14 -6.61
C ILE A 239 12.04 -19.74 -5.99
N PHE A 240 11.04 -19.53 -5.13
CA PHE A 240 10.84 -18.31 -4.34
C PHE A 240 11.04 -18.76 -2.90
N VAL A 241 11.93 -18.13 -2.14
CA VAL A 241 12.17 -18.55 -0.77
C VAL A 241 12.45 -17.38 0.15
N ASN A 242 11.62 -17.22 1.17
CA ASN A 242 11.91 -16.21 2.19
C ASN A 242 12.83 -16.87 3.21
N ASN A 243 14.14 -16.76 2.97
CA ASN A 243 15.18 -17.36 3.79
C ASN A 243 15.73 -16.41 4.88
N PHE A 244 15.10 -15.23 5.08
CA PHE A 244 15.62 -14.26 6.05
C PHE A 244 15.90 -14.86 7.43
N ALA A 245 14.97 -15.64 7.97
CA ALA A 245 15.09 -16.26 9.29
C ALA A 245 15.72 -17.66 9.33
N PHE A 246 16.21 -18.20 8.21
CA PHE A 246 16.82 -19.55 8.20
C PHE A 246 18.14 -19.65 8.96
N GLY A 247 18.29 -20.75 9.69
CA GLY A 247 19.50 -21.07 10.45
C GLY A 247 20.65 -21.52 9.56
N PRO A 248 21.84 -21.83 10.12
CA PRO A 248 22.94 -22.24 9.26
C PRO A 248 22.74 -23.62 8.60
N GLU A 249 22.18 -24.58 9.33
CA GLU A 249 21.95 -25.93 8.81
C GLU A 249 20.88 -25.94 7.75
N VAL A 250 19.81 -25.11 7.92
CA VAL A 250 18.75 -25.00 6.91
C VAL A 250 19.35 -24.40 5.62
N ASP A 251 20.12 -23.29 5.78
CA ASP A 251 20.79 -22.60 4.68
C ASP A 251 21.78 -23.55 3.96
N HIS A 252 22.60 -24.28 4.71
CA HIS A 252 23.57 -25.23 4.19
C HIS A 252 22.89 -26.36 3.44
N GLN A 253 21.79 -26.91 3.98
CA GLN A 253 21.05 -28.00 3.31
C GLN A 253 20.38 -27.49 2.02
N LEU A 254 19.78 -26.26 2.05
CA LEU A 254 19.15 -25.65 0.89
C LEU A 254 20.14 -25.46 -0.24
N LYS A 255 21.35 -24.96 0.07
CA LYS A 255 22.43 -24.78 -0.89
C LYS A 255 22.79 -26.13 -1.55
N GLU A 256 22.80 -27.21 -0.76
CA GLU A 256 23.07 -28.59 -1.22
C GLU A 256 22.00 -29.01 -2.25
N ARG A 257 20.70 -28.69 -1.99
CA ARG A 257 19.56 -28.96 -2.89
C ARG A 257 19.62 -28.11 -4.18
N PHE A 258 20.05 -26.83 -4.05
CA PHE A 258 20.17 -25.92 -5.17
C PHE A 258 21.24 -26.37 -6.15
N ALA A 259 22.31 -27.03 -5.63
CA ALA A 259 23.48 -27.54 -6.38
C ALA A 259 23.13 -28.67 -7.37
N ASN A 260 21.91 -29.24 -7.25
CA ASN A 260 21.43 -30.28 -8.16
C ASN A 260 20.49 -29.72 -9.22
N MET A 261 20.24 -28.39 -9.20
CA MET A 261 19.35 -27.72 -10.16
C MET A 261 19.95 -27.61 -11.58
N LYS A 262 19.09 -27.44 -12.58
CA LYS A 262 19.50 -27.35 -14.00
C LYS A 262 20.07 -25.97 -14.32
N GLU A 263 20.88 -25.88 -15.38
CA GLU A 263 21.41 -24.58 -15.86
C GLU A 263 20.27 -23.63 -16.10
N GLY A 264 20.42 -22.38 -15.66
CA GLY A 264 19.38 -21.37 -15.86
C GLY A 264 18.26 -21.40 -14.86
N GLY A 265 18.23 -22.39 -13.95
CA GLY A 265 17.28 -22.47 -12.85
C GLY A 265 17.45 -21.24 -11.98
N ARG A 266 16.36 -20.68 -11.44
CA ARG A 266 16.42 -19.43 -10.67
C ARG A 266 15.86 -19.54 -9.26
N ILE A 267 16.48 -18.82 -8.32
CA ILE A 267 16.08 -18.72 -6.91
C ILE A 267 15.93 -17.23 -6.56
N VAL A 268 14.73 -16.82 -6.14
CA VAL A 268 14.41 -15.44 -5.73
C VAL A 268 14.19 -15.50 -4.21
N SER A 269 15.07 -14.80 -3.46
CA SER A 269 15.08 -14.83 -2.00
C SER A 269 15.14 -13.49 -1.34
N SER A 270 14.95 -13.47 -0.01
CA SER A 270 14.97 -12.28 0.83
C SER A 270 16.40 -11.91 1.31
N LYS A 271 17.30 -12.90 1.37
CA LYS A 271 18.73 -12.78 1.72
C LYS A 271 19.53 -13.54 0.62
N PRO A 272 20.69 -13.04 0.07
CA PRO A 272 21.42 -13.85 -0.93
C PRO A 272 22.00 -15.12 -0.33
N PHE A 273 22.14 -16.17 -1.17
CA PHE A 273 22.75 -17.43 -0.75
C PHE A 273 24.25 -17.43 -1.05
N ALA A 274 24.71 -16.44 -1.82
CA ALA A 274 26.12 -16.32 -2.16
C ALA A 274 26.48 -14.83 -2.20
N PRO A 275 27.76 -14.45 -1.91
CA PRO A 275 28.11 -13.01 -1.91
C PRO A 275 27.85 -12.38 -3.26
N LEU A 276 27.45 -11.11 -3.24
CA LEU A 276 27.15 -10.38 -4.47
C LEU A 276 28.38 -10.11 -5.32
N ASN A 277 29.56 -10.08 -4.68
CA ASN A 277 30.87 -9.81 -5.22
C ASN A 277 31.72 -11.07 -5.25
N PHE A 278 31.09 -12.26 -5.30
CA PHE A 278 31.83 -13.54 -5.27
C PHE A 278 32.89 -13.66 -6.38
N ARG A 279 34.13 -13.84 -5.96
CA ARG A 279 35.27 -14.04 -6.85
C ARG A 279 35.88 -15.42 -6.56
N ILE A 280 35.76 -16.34 -7.52
CA ILE A 280 36.26 -17.72 -7.46
C ILE A 280 37.79 -17.77 -7.33
N ASN A 281 38.26 -18.64 -6.43
CA ASN A 281 39.68 -18.88 -6.15
C ASN A 281 39.91 -20.34 -5.69
N SER A 282 41.15 -20.69 -5.32
CA SER A 282 41.48 -22.04 -4.90
C SER A 282 40.91 -22.44 -3.53
N ARG A 283 40.55 -21.46 -2.68
CA ARG A 283 40.05 -21.72 -1.31
C ARG A 283 38.54 -21.69 -1.15
N ASN A 284 37.79 -21.24 -2.19
CA ASN A 284 36.31 -21.18 -2.14
C ASN A 284 35.62 -22.02 -3.22
N LEU A 285 36.32 -23.05 -3.77
CA LEU A 285 35.79 -23.90 -4.83
C LEU A 285 34.55 -24.69 -4.47
N SER A 286 34.26 -24.86 -3.18
CA SER A 286 33.12 -25.64 -2.67
C SER A 286 31.90 -24.79 -2.38
N ASP A 287 32.05 -23.47 -2.49
CA ASP A 287 31.00 -22.51 -2.22
C ASP A 287 29.96 -22.53 -3.34
N ILE A 288 28.67 -22.32 -3.00
CA ILE A 288 27.60 -22.29 -4.01
C ILE A 288 27.83 -21.16 -5.06
N GLY A 289 28.58 -20.13 -4.70
CA GLY A 289 28.92 -19.01 -5.59
C GLY A 289 29.65 -19.40 -6.86
N THR A 290 30.23 -20.60 -6.89
CA THR A 290 30.98 -21.14 -8.04
C THR A 290 30.03 -21.68 -9.14
N ILE A 291 28.73 -21.85 -8.83
CA ILE A 291 27.77 -22.40 -9.78
C ILE A 291 26.52 -21.55 -9.89
N MET A 292 26.53 -20.32 -9.34
CA MET A 292 25.39 -19.41 -9.47
C MET A 292 25.76 -17.93 -9.53
N ARG A 293 25.02 -17.15 -10.31
CA ARG A 293 25.15 -15.69 -10.44
C ARG A 293 24.17 -15.11 -9.42
N VAL A 294 24.49 -13.97 -8.80
CA VAL A 294 23.63 -13.34 -7.80
C VAL A 294 23.51 -11.88 -8.11
N VAL A 295 22.29 -11.37 -8.20
CA VAL A 295 22.04 -9.95 -8.46
C VAL A 295 21.02 -9.41 -7.43
N GLU A 296 21.26 -8.18 -6.96
CA GLU A 296 20.32 -7.53 -6.06
C GLU A 296 19.37 -6.73 -6.92
N LEU A 297 18.09 -7.01 -6.72
CA LEU A 297 17.02 -6.33 -7.43
C LEU A 297 16.19 -5.54 -6.45
N SER A 298 15.60 -4.46 -6.92
CA SER A 298 14.80 -3.60 -6.05
C SER A 298 13.76 -2.80 -6.82
N PRO A 299 12.53 -2.68 -6.30
CA PRO A 299 11.54 -1.78 -6.97
C PRO A 299 12.03 -0.31 -7.10
N LEU A 300 12.90 0.17 -6.19
CA LEU A 300 13.52 1.51 -6.24
C LEU A 300 14.43 1.72 -7.47
N LYS A 301 14.99 0.64 -8.05
CA LYS A 301 15.86 0.69 -9.22
C LYS A 301 15.03 0.77 -10.51
N GLY A 302 13.98 -0.06 -10.60
CA GLY A 302 13.05 -0.06 -11.74
C GLY A 302 12.02 1.05 -11.68
N SER A 305 8.06 3.69 -11.15
CA SER A 305 7.73 4.73 -10.15
C SER A 305 7.20 4.12 -8.83
N TRP A 306 8.17 3.68 -7.94
CA TRP A 306 7.92 3.02 -6.64
C TRP A 306 7.85 4.00 -5.47
N THR A 307 6.83 3.83 -4.61
CA THR A 307 6.62 4.67 -3.43
C THR A 307 6.38 3.85 -2.14
N GLY A 308 6.60 2.54 -2.14
CA GLY A 308 6.50 1.71 -0.94
C GLY A 308 7.81 1.60 -0.15
N LYS A 309 8.00 0.50 0.62
CA LYS A 309 9.21 0.23 1.45
C LYS A 309 10.48 0.14 0.61
N PRO A 310 11.65 0.60 1.12
CA PRO A 310 12.89 0.48 0.34
C PRO A 310 13.49 -0.94 0.42
N VAL A 311 12.83 -1.91 -0.18
CA VAL A 311 13.22 -3.31 -0.15
C VAL A 311 14.05 -3.77 -1.33
N SER A 312 14.74 -4.89 -1.13
CA SER A 312 15.54 -5.60 -2.10
C SER A 312 15.24 -7.10 -2.03
N TYR A 313 15.32 -7.74 -3.16
CA TYR A 313 15.21 -9.18 -3.27
C TYR A 313 16.40 -9.60 -4.11
N TYR A 314 16.76 -10.90 -4.03
CA TYR A 314 17.97 -11.43 -4.66
C TYR A 314 17.66 -12.51 -5.64
N LEU A 315 18.12 -12.33 -6.89
CA LEU A 315 17.95 -13.30 -7.98
C LEU A 315 19.26 -14.08 -8.22
N HIS A 316 19.19 -15.41 -8.03
CA HIS A 316 20.30 -16.36 -8.24
C HIS A 316 19.96 -17.20 -9.47
N THR A 317 20.91 -17.32 -10.39
CA THR A 317 20.73 -18.12 -11.61
C THR A 317 21.81 -19.18 -11.69
N ILE A 318 21.40 -20.48 -11.74
CA ILE A 318 22.35 -21.59 -11.88
C ILE A 318 23.14 -21.38 -13.17
N ASP A 319 24.47 -21.26 -13.03
CA ASP A 319 25.41 -21.06 -14.11
C ASP A 319 26.72 -21.76 -13.75
N ARG A 320 26.93 -22.98 -14.29
CA ARG A 320 28.13 -23.77 -14.04
C ARG A 320 29.32 -23.33 -14.88
N THR A 321 29.13 -22.33 -15.78
CA THR A 321 30.24 -21.78 -16.59
C THR A 321 31.20 -20.99 -15.69
N ILE A 322 30.73 -20.47 -14.53
CA ILE A 322 31.57 -19.75 -13.54
C ILE A 322 32.71 -20.71 -13.17
N LEU A 323 32.35 -21.98 -12.83
CA LEU A 323 33.25 -23.08 -12.47
C LEU A 323 34.07 -23.55 -13.68
N GLU A 324 33.44 -23.75 -14.86
CA GLU A 324 34.13 -24.17 -16.09
C GLU A 324 35.24 -23.16 -16.45
N ASN A 325 34.94 -21.85 -16.38
CA ASN A 325 35.91 -20.77 -16.72
C ASN A 325 37.10 -20.77 -15.81
N TYR A 326 36.92 -21.05 -14.51
CA TYR A 326 38.00 -21.13 -13.53
C TYR A 326 38.98 -22.22 -13.95
N PHE A 327 38.49 -23.43 -14.28
CA PHE A 327 39.31 -24.56 -14.74
C PHE A 327 40.03 -24.26 -16.06
N SER A 328 39.32 -23.62 -17.04
CA SER A 328 39.87 -23.22 -18.34
C SER A 328 41.01 -22.26 -18.16
N SER A 329 40.90 -21.32 -17.21
CA SER A 329 41.93 -20.34 -16.87
C SER A 329 43.17 -20.99 -16.26
N LEU A 330 42.98 -22.09 -15.51
CA LEU A 330 44.09 -22.82 -14.93
C LEU A 330 44.89 -23.57 -15.97
N LYS A 331 44.21 -24.10 -17.01
CA LYS A 331 44.77 -24.90 -18.12
C LYS A 331 45.31 -24.05 -19.28
N ASN A 332 44.72 -22.86 -19.47
CA ASN A 332 45.07 -21.89 -20.51
C ASN A 332 45.37 -20.52 -19.84
N PRO A 333 46.49 -20.34 -19.10
CA PRO A 333 46.74 -19.05 -18.45
C PRO A 333 47.53 -18.08 -19.34
N LYS B 5 24.16 5.50 26.72
CA LYS B 5 24.89 4.23 26.62
C LYS B 5 24.08 3.14 25.86
N LEU B 6 23.01 2.63 26.53
CA LEU B 6 22.15 1.60 25.95
C LEU B 6 21.14 2.24 25.01
N GLU B 7 21.66 2.64 23.86
CA GLU B 7 20.90 3.36 22.84
C GLU B 7 21.54 3.26 21.47
N LEU B 8 20.78 3.63 20.44
CA LEU B 8 21.24 3.65 19.07
C LEU B 8 21.09 5.06 18.52
N ARG B 9 22.11 5.55 17.82
CA ARG B 9 22.11 6.92 17.23
C ARG B 9 22.31 6.90 15.73
N LEU B 10 21.56 7.76 15.02
CA LEU B 10 21.67 7.94 13.58
C LEU B 10 21.99 9.37 13.31
N LYS B 11 23.17 9.63 12.74
CA LYS B 11 23.57 10.98 12.35
C LYS B 11 22.69 11.51 11.20
N SER B 12 22.31 12.77 11.27
CA SER B 12 21.52 13.42 10.23
C SER B 12 22.39 13.63 8.97
N PRO B 13 21.86 13.33 7.76
CA PRO B 13 22.64 13.59 6.52
C PRO B 13 23.02 15.05 6.30
N VAL B 14 22.33 16.00 6.98
CA VAL B 14 22.55 17.46 6.83
C VAL B 14 23.10 18.14 8.11
N GLY B 15 23.53 17.39 9.10
CA GLY B 15 24.12 17.98 10.30
C GLY B 15 23.16 18.41 11.39
N ALA B 16 21.88 18.01 11.31
CA ALA B 16 20.93 18.30 12.39
C ALA B 16 21.28 17.41 13.63
N GLU B 17 20.60 17.60 14.77
CA GLU B 17 20.86 16.77 15.97
C GLU B 17 20.56 15.28 15.64
N PRO B 18 21.38 14.31 16.11
CA PRO B 18 21.13 12.91 15.71
C PRO B 18 19.81 12.32 16.20
N ALA B 19 19.31 11.29 15.53
CA ALA B 19 18.11 10.55 15.94
C ALA B 19 18.60 9.56 17.01
N VAL B 20 18.06 9.65 18.22
CA VAL B 20 18.46 8.79 19.36
C VAL B 20 17.33 7.84 19.75
N TYR B 21 17.56 6.52 19.63
CA TYR B 21 16.58 5.50 20.01
C TYR B 21 17.06 4.71 21.24
N PRO B 22 16.23 4.44 22.23
CA PRO B 22 16.73 3.64 23.37
C PRO B 22 16.73 2.14 23.02
N TRP B 23 17.52 1.35 23.76
CA TRP B 23 17.56 -0.11 23.63
C TRP B 23 17.10 -0.65 24.97
N PRO B 24 16.13 -1.60 25.05
CA PRO B 24 15.41 -2.29 23.95
C PRO B 24 14.64 -1.35 23.03
N LEU B 25 14.68 -1.61 21.73
CA LEU B 25 13.98 -0.75 20.78
C LEU B 25 12.43 -0.81 20.94
N PRO B 26 11.75 0.35 20.90
CA PRO B 26 10.29 0.36 21.03
C PRO B 26 9.55 -0.37 19.90
N VAL B 27 8.41 -0.94 20.25
CA VAL B 27 7.47 -1.57 19.33
C VAL B 27 6.29 -0.59 19.22
N TYR B 28 5.95 -0.23 17.98
CA TYR B 28 4.90 0.75 17.71
C TYR B 28 3.52 0.13 17.68
N ASP B 29 3.38 -0.98 16.95
CA ASP B 29 2.18 -1.78 16.81
C ASP B 29 2.60 -3.15 16.31
N LYS B 30 1.62 -3.99 15.92
CA LYS B 30 1.89 -5.34 15.46
C LYS B 30 2.66 -5.34 14.11
N HIS B 31 2.58 -4.22 13.34
CA HIS B 31 3.17 -4.09 12.01
C HIS B 31 4.24 -2.97 11.84
N HIS B 32 4.79 -2.44 12.96
CA HIS B 32 5.84 -1.41 12.97
C HIS B 32 6.62 -1.46 14.28
N ASP B 33 7.97 -1.51 14.19
CA ASP B 33 8.89 -1.42 15.33
C ASP B 33 10.02 -0.43 14.93
N ALA B 34 10.76 0.08 15.94
CA ALA B 34 11.85 1.02 15.73
C ALA B 34 13.04 0.45 14.95
N ALA B 35 13.27 -0.89 15.00
CA ALA B 35 14.38 -1.57 14.29
C ALA B 35 14.25 -1.43 12.78
N HIS B 36 13.03 -1.65 12.25
CA HIS B 36 12.75 -1.52 10.83
C HIS B 36 12.72 -0.07 10.42
N GLU B 37 12.33 0.84 11.33
CA GLU B 37 12.39 2.26 11.10
C GLU B 37 13.86 2.68 10.94
N ILE B 38 14.78 2.16 11.76
CA ILE B 38 16.21 2.44 11.66
C ILE B 38 16.78 1.97 10.29
N ILE B 39 16.55 0.72 9.94
CA ILE B 39 17.00 0.14 8.70
C ILE B 39 16.46 0.91 7.47
N GLU B 40 15.15 1.23 7.45
CA GLU B 40 14.53 1.94 6.35
C GLU B 40 14.98 3.39 6.22
N THR B 41 15.26 4.07 7.37
CA THR B 41 15.79 5.43 7.38
C THR B 41 17.17 5.41 6.67
N ILE B 42 18.08 4.48 7.10
CA ILE B 42 19.41 4.25 6.50
C ILE B 42 19.28 4.03 4.99
N ARG B 43 18.33 3.18 4.56
CA ARG B 43 18.10 2.84 3.14
C ARG B 43 17.63 4.04 2.32
N TRP B 44 16.66 4.83 2.85
CA TRP B 44 16.16 6.04 2.20
C TRP B 44 17.26 7.09 2.04
N VAL B 45 18.02 7.35 3.11
CA VAL B 45 19.13 8.32 3.08
C VAL B 45 20.18 7.88 2.04
N CYS B 46 20.45 6.56 1.94
CA CYS B 46 21.35 5.99 0.95
C CYS B 46 20.85 6.16 -0.50
N GLU B 47 19.54 6.08 -0.73
CA GLU B 47 18.94 6.30 -2.04
C GLU B 47 19.05 7.76 -2.47
N GLU B 48 18.68 8.73 -1.58
CA GLU B 48 18.75 10.17 -1.82
C GLU B 48 20.20 10.68 -2.04
N ILE B 49 21.19 10.18 -1.27
CA ILE B 49 22.62 10.54 -1.40
C ILE B 49 23.46 9.39 -2.00
N PRO B 50 23.64 9.40 -3.34
CA PRO B 50 24.47 8.37 -4.01
C PRO B 50 25.87 8.15 -3.44
N ASP B 51 26.57 9.22 -3.00
CA ASP B 51 27.92 9.09 -2.40
C ASP B 51 27.89 8.28 -1.09
N LEU B 52 26.80 8.39 -0.32
CA LEU B 52 26.63 7.65 0.93
C LEU B 52 26.53 6.13 0.70
N LYS B 53 25.83 5.73 -0.39
CA LYS B 53 25.72 4.34 -0.83
C LYS B 53 27.11 3.86 -1.21
N LEU B 54 27.93 4.70 -1.90
CA LEU B 54 29.30 4.35 -2.27
C LEU B 54 30.19 4.25 -1.07
N ALA B 55 30.04 5.15 -0.09
CA ALA B 55 30.89 5.14 1.11
C ALA B 55 30.59 4.00 2.03
N MET B 56 29.30 3.70 2.18
CA MET B 56 28.81 2.68 3.10
C MET B 56 29.20 1.25 2.77
N GLU B 57 29.73 0.52 3.78
CA GLU B 57 30.03 -0.93 3.65
C GLU B 57 28.64 -1.61 3.66
N ASN B 58 28.05 -1.73 2.44
CA ASN B 58 26.68 -2.16 2.16
C ASN B 58 26.29 -3.59 2.61
N TYR B 59 27.27 -4.52 2.77
CA TYR B 59 26.99 -5.88 3.26
C TYR B 59 26.21 -5.86 4.61
N VAL B 60 26.30 -4.73 5.33
CA VAL B 60 25.70 -4.61 6.65
C VAL B 60 24.16 -4.51 6.59
N LEU B 61 23.59 -4.05 5.45
CA LEU B 61 22.12 -3.99 5.29
C LEU B 61 21.50 -5.36 4.89
N ILE B 62 22.32 -6.42 4.80
CA ILE B 62 21.98 -7.82 4.47
C ILE B 62 22.12 -8.68 5.78
N ASP B 63 23.30 -8.65 6.41
CA ASP B 63 23.64 -9.37 7.64
C ASP B 63 23.28 -8.54 8.86
N TYR B 64 22.00 -8.64 9.29
CA TYR B 64 21.60 -7.88 10.46
C TYR B 64 20.66 -8.67 11.34
N ASP B 65 20.79 -8.45 12.66
CA ASP B 65 19.93 -9.11 13.65
C ASP B 65 19.27 -8.02 14.52
N THR B 66 18.01 -7.70 14.21
CA THR B 66 17.19 -6.71 14.93
C THR B 66 17.04 -7.04 16.43
N LYS B 67 17.41 -8.28 16.84
CA LYS B 67 17.29 -8.76 18.20
C LYS B 67 18.63 -8.81 18.87
N SER B 68 19.63 -8.17 18.27
CA SER B 68 21.00 -8.14 18.82
C SER B 68 21.45 -6.69 18.94
N PHE B 69 21.73 -6.24 20.14
CA PHE B 69 22.19 -4.89 20.35
C PHE B 69 23.47 -4.63 19.55
N GLU B 70 24.47 -5.55 19.68
CA GLU B 70 25.76 -5.42 18.99
C GLU B 70 25.59 -5.34 17.48
N SER B 71 24.70 -6.16 16.90
CA SER B 71 24.41 -6.18 15.46
C SER B 71 23.76 -4.88 15.00
N MET B 72 22.75 -4.39 15.75
CA MET B 72 22.07 -3.12 15.42
C MET B 72 23.01 -1.93 15.57
N GLN B 73 23.82 -1.92 16.62
CA GLN B 73 24.86 -0.92 16.86
C GLN B 73 25.90 -0.84 15.73
N ARG B 74 26.34 -1.99 15.17
CA ARG B 74 27.31 -2.10 14.07
C ARG B 74 26.68 -1.52 12.81
N LEU B 75 25.37 -1.80 12.55
CA LEU B 75 24.61 -1.26 11.42
C LEU B 75 24.57 0.28 11.48
N CYS B 76 24.24 0.84 12.64
CA CYS B 76 24.20 2.29 12.88
C CYS B 76 25.56 2.89 12.77
N ASP B 77 26.57 2.20 13.30
CA ASP B 77 27.93 2.71 13.27
C ASP B 77 28.52 2.77 11.80
N LYS B 78 28.27 1.72 10.98
CA LYS B 78 28.68 1.69 9.58
C LYS B 78 28.05 2.94 8.85
N TYR B 79 26.78 3.26 9.18
CA TYR B 79 26.07 4.37 8.56
C TYR B 79 26.64 5.70 8.99
N ASN B 80 26.85 5.87 10.30
CA ASN B 80 27.41 7.08 10.89
C ASN B 80 28.80 7.39 10.37
N ARG B 81 29.65 6.38 10.25
CA ARG B 81 30.98 6.47 9.66
C ARG B 81 30.92 6.88 8.17
N ALA B 82 29.88 6.45 7.44
CA ALA B 82 29.76 6.81 6.03
C ALA B 82 29.32 8.27 5.92
N ILE B 83 28.46 8.72 6.86
CA ILE B 83 27.95 10.11 6.97
C ILE B 83 29.11 11.05 7.19
N ASP B 84 30.00 10.70 8.14
CA ASP B 84 31.24 11.41 8.45
C ASP B 84 32.15 11.54 7.22
N SER B 85 32.26 10.47 6.37
CA SER B 85 33.09 10.49 5.16
C SER B 85 32.53 11.47 4.12
N ILE B 86 31.21 11.43 3.91
CA ILE B 86 30.51 12.30 2.97
C ILE B 86 30.60 13.74 3.44
N HIS B 87 30.57 13.98 4.76
CA HIS B 87 30.74 15.32 5.31
C HIS B 87 32.18 15.83 5.11
N GLN B 88 33.19 14.93 5.07
CA GLN B 88 34.57 15.37 4.80
C GLN B 88 34.78 15.74 3.32
N LEU B 89 34.15 14.95 2.45
CA LEU B 89 34.16 15.05 1.00
C LEU B 89 33.48 16.35 0.60
N TRP B 90 32.41 16.70 1.30
CA TRP B 90 31.69 17.94 1.07
C TRP B 90 32.41 19.17 1.60
N LYS B 91 33.25 19.04 2.68
CA LYS B 91 34.11 20.11 3.21
C LYS B 91 35.04 20.56 2.05
N GLY B 92 35.79 19.59 1.47
CA GLY B 92 36.68 19.79 0.33
C GLY B 92 36.01 20.15 -1.00
N THR B 93 34.67 20.25 -1.04
CA THR B 93 33.92 20.58 -2.27
C THR B 93 32.64 21.38 -1.96
N ASN B 100 17.98 22.35 0.55
CA ASN B 100 16.67 21.85 0.99
C ASN B 100 15.62 21.74 -0.16
N THR B 101 15.42 20.51 -0.66
CA THR B 101 14.46 20.17 -1.72
C THR B 101 13.15 19.56 -1.13
N ARG B 102 12.14 19.27 -1.97
CA ARG B 102 10.92 18.62 -1.48
C ARG B 102 11.21 17.11 -1.36
N PRO B 103 10.62 16.39 -0.40
CA PRO B 103 10.88 14.94 -0.36
C PRO B 103 10.24 14.19 -1.53
N SER B 104 10.80 13.05 -1.94
CA SER B 104 10.19 12.21 -2.95
C SER B 104 8.90 11.62 -2.32
N THR B 105 7.97 11.07 -3.13
CA THR B 105 6.76 10.47 -2.58
C THR B 105 7.10 9.34 -1.59
N GLY B 106 8.05 8.48 -2.00
CA GLY B 106 8.56 7.36 -1.21
C GLY B 106 9.08 7.78 0.15
N LEU B 107 9.97 8.78 0.17
CA LEU B 107 10.51 9.31 1.41
C LEU B 107 9.43 9.91 2.30
N LEU B 108 8.50 10.69 1.71
CA LEU B 108 7.39 11.31 2.45
C LEU B 108 6.53 10.29 3.19
N ARG B 109 6.20 9.15 2.56
CA ARG B 109 5.42 8.12 3.23
C ARG B 109 6.12 7.62 4.49
N HIS B 110 7.44 7.37 4.39
CA HIS B 110 8.31 6.96 5.49
C HIS B 110 8.37 8.05 6.57
N ILE B 111 8.57 9.33 6.19
CA ILE B 111 8.59 10.45 7.14
C ILE B 111 7.26 10.55 7.89
N LEU B 112 6.12 10.45 7.16
CA LEU B 112 4.81 10.52 7.79
C LEU B 112 4.61 9.35 8.78
N GLN B 113 5.04 8.12 8.42
CA GLN B 113 4.92 6.97 9.30
C GLN B 113 5.78 7.18 10.57
N GLN B 114 7.00 7.69 10.40
CA GLN B 114 7.95 8.02 11.44
C GLN B 114 7.36 9.04 12.42
N VAL B 115 6.84 10.16 11.88
CA VAL B 115 6.16 11.22 12.64
C VAL B 115 4.99 10.62 13.48
N TYR B 116 4.15 9.77 12.86
CA TYR B 116 3.03 9.12 13.56
C TYR B 116 3.50 8.22 14.72
N ASN B 117 4.44 7.31 14.45
CA ASN B 117 4.99 6.35 15.40
C ASN B 117 5.60 6.99 16.62
N HIS B 118 6.22 8.15 16.41
CA HIS B 118 6.85 8.96 17.46
C HIS B 118 5.84 9.87 18.19
N SER B 119 4.70 10.20 17.56
CA SER B 119 3.70 11.11 18.15
C SER B 119 2.56 10.40 18.87
N VAL B 120 1.99 9.36 18.25
CA VAL B 120 0.88 8.61 18.82
C VAL B 120 1.46 7.40 19.54
N THR B 121 1.84 7.62 20.80
CA THR B 121 2.47 6.64 21.68
C THR B 121 1.45 5.67 22.30
N ASP B 122 0.21 6.12 22.55
CA ASP B 122 -0.86 5.26 23.03
C ASP B 122 -1.92 5.20 21.91
N PRO B 123 -1.79 4.22 20.98
CA PRO B 123 -2.71 4.15 19.84
C PRO B 123 -4.13 3.67 20.19
N GLU B 124 -4.31 3.09 21.40
CA GLU B 124 -5.60 2.61 21.90
C GLU B 124 -6.63 3.75 21.94
N LYS B 125 -6.17 4.96 22.35
CA LYS B 125 -6.95 6.20 22.46
C LYS B 125 -7.62 6.69 21.15
N LEU B 126 -7.08 6.32 19.97
CA LEU B 126 -7.64 6.72 18.66
C LEU B 126 -8.63 5.67 18.09
N PHE B 132 -11.02 4.05 8.05
CA PHE B 132 -9.65 4.30 7.58
C PHE B 132 -8.84 5.15 8.62
N SER B 133 -8.58 4.52 9.79
CA SER B 133 -7.88 5.05 10.97
C SER B 133 -6.45 5.62 10.70
N PRO B 134 -5.93 6.53 11.58
CA PRO B 134 -4.59 7.11 11.34
C PRO B 134 -3.44 6.11 11.25
N GLU B 135 -3.56 4.95 11.94
CA GLU B 135 -2.58 3.85 11.96
C GLU B 135 -2.24 3.37 10.55
N VAL B 136 -3.30 3.17 9.73
CA VAL B 136 -3.22 2.67 8.36
C VAL B 136 -3.12 3.76 7.30
N TYR B 137 -2.91 5.04 7.70
CA TYR B 137 -2.79 6.18 6.78
C TYR B 137 -1.80 5.93 5.65
N GLY B 138 -0.60 5.49 6.01
CA GLY B 138 0.45 5.22 5.04
C GLY B 138 0.15 4.05 4.12
N GLU B 139 -0.62 3.06 4.60
CA GLU B 139 -0.90 1.84 3.85
C GLU B 139 -2.16 1.90 2.98
N THR B 140 -2.99 2.97 3.07
CA THR B 140 -4.22 3.08 2.27
C THR B 140 -4.49 4.51 1.73
N SER B 141 -4.63 5.49 2.65
CA SER B 141 -4.95 6.88 2.37
C SER B 141 -3.82 7.67 1.67
N PHE B 142 -2.56 7.43 2.02
CA PHE B 142 -1.42 8.17 1.46
C PHE B 142 -1.45 8.20 -0.07
N ASP B 143 -1.64 7.07 -0.73
CA ASP B 143 -1.65 7.00 -2.18
C ASP B 143 -2.82 7.71 -2.82
N LEU B 144 -4.01 7.72 -2.17
CA LEU B 144 -5.16 8.46 -2.69
C LEU B 144 -4.88 9.94 -2.62
N VAL B 145 -4.38 10.42 -1.45
CA VAL B 145 -4.02 11.83 -1.21
C VAL B 145 -2.95 12.29 -2.22
N ALA B 146 -1.98 11.43 -2.54
CA ALA B 146 -0.92 11.72 -3.52
C ALA B 146 -1.55 11.95 -4.91
N GLN B 147 -2.51 11.09 -5.26
CA GLN B 147 -3.30 11.13 -6.49
C GLN B 147 -4.15 12.43 -6.55
N MET B 148 -4.71 12.88 -5.39
CA MET B 148 -5.46 14.15 -5.25
C MET B 148 -4.56 15.36 -5.49
N ILE B 149 -3.37 15.37 -4.88
CA ILE B 149 -2.37 16.43 -5.01
C ILE B 149 -1.95 16.60 -6.49
N ASP B 150 -1.80 15.49 -7.25
CA ASP B 150 -1.49 15.53 -8.68
C ASP B 150 -2.62 16.04 -9.55
N GLU B 151 -3.87 15.82 -9.13
CA GLU B 151 -5.07 16.22 -9.88
C GLU B 151 -5.50 17.66 -9.63
N ILE B 152 -5.64 18.06 -8.37
CA ILE B 152 -6.05 19.40 -7.97
C ILE B 152 -4.79 20.28 -7.87
N LYS B 153 -4.47 20.96 -8.99
CA LYS B 153 -3.23 21.75 -9.07
C LYS B 153 -3.37 23.05 -8.30
N MET B 154 -2.41 23.24 -7.38
CA MET B 154 -2.35 24.34 -6.44
C MET B 154 -1.13 25.18 -6.72
N THR B 155 -1.26 26.49 -6.54
CA THR B 155 -0.21 27.48 -6.76
C THR B 155 0.04 28.26 -5.47
N ASP B 156 1.01 29.22 -5.52
CA ASP B 156 1.38 30.09 -4.40
C ASP B 156 0.22 30.99 -4.00
N ASP B 157 -0.73 31.22 -4.96
CA ASP B 157 -1.95 32.01 -4.85
C ASP B 157 -3.09 31.31 -4.05
N ASP B 158 -2.95 30.02 -3.75
CA ASP B 158 -3.98 29.28 -3.01
C ASP B 158 -3.75 29.23 -1.51
N LEU B 159 -4.86 29.07 -0.79
CA LEU B 159 -4.91 28.83 0.64
C LEU B 159 -5.65 27.50 0.78
N PHE B 160 -5.05 26.56 1.49
CA PHE B 160 -5.61 25.22 1.66
C PHE B 160 -6.14 24.98 3.08
N VAL B 161 -7.34 24.38 3.20
CA VAL B 161 -7.94 24.01 4.49
C VAL B 161 -8.46 22.58 4.43
N ASP B 162 -8.09 21.75 5.41
CA ASP B 162 -8.60 20.40 5.60
C ASP B 162 -9.53 20.49 6.83
N LEU B 163 -10.86 20.42 6.60
CA LEU B 163 -11.91 20.52 7.63
C LEU B 163 -12.11 19.18 8.34
N GLY B 164 -11.66 19.10 9.60
CA GLY B 164 -11.68 17.86 10.39
C GLY B 164 -10.44 17.08 10.02
N SER B 165 -9.28 17.66 10.37
CA SER B 165 -7.97 17.18 10.02
C SER B 165 -7.41 16.03 10.89
N GLY B 166 -8.09 15.68 11.99
CA GLY B 166 -7.66 14.63 12.91
C GLY B 166 -6.28 14.88 13.47
N VAL B 167 -5.37 13.89 13.34
CA VAL B 167 -3.96 14.01 13.80
C VAL B 167 -3.15 14.91 12.82
N GLY B 168 -3.69 15.19 11.64
CA GLY B 168 -3.12 16.14 10.70
C GLY B 168 -2.29 15.64 9.54
N GLN B 169 -2.31 14.34 9.25
CA GLN B 169 -1.49 13.75 8.19
C GLN B 169 -1.80 14.23 6.75
N VAL B 170 -3.06 14.59 6.44
CA VAL B 170 -3.40 15.08 5.10
C VAL B 170 -2.75 16.46 4.89
N VAL B 171 -2.80 17.31 5.91
CA VAL B 171 -2.20 18.64 5.89
C VAL B 171 -0.69 18.56 5.72
N LEU B 172 -0.01 17.69 6.50
CA LEU B 172 1.45 17.49 6.39
C LEU B 172 1.84 16.97 5.00
N GLN B 173 1.02 16.07 4.40
CA GLN B 173 1.28 15.56 3.06
C GLN B 173 1.15 16.64 1.98
N VAL B 174 0.03 17.40 1.99
CA VAL B 174 -0.21 18.49 1.05
C VAL B 174 0.89 19.55 1.23
N ALA B 175 1.19 19.94 2.48
CA ALA B 175 2.23 20.95 2.78
C ALA B 175 3.63 20.55 2.31
N ALA B 176 3.94 19.23 2.29
CA ALA B 176 5.24 18.74 1.84
C ALA B 176 5.28 18.68 0.32
N ALA B 177 4.12 18.64 -0.33
CA ALA B 177 4.03 18.52 -1.78
C ALA B 177 3.76 19.82 -2.56
N THR B 178 2.97 20.75 -1.99
CA THR B 178 2.55 21.96 -2.70
C THR B 178 3.23 23.26 -2.22
N ASN B 179 2.95 24.34 -2.95
CA ASN B 179 3.48 25.69 -2.74
C ASN B 179 2.39 26.72 -2.33
N CYS B 180 1.24 26.26 -1.74
CA CYS B 180 0.17 27.13 -1.24
C CYS B 180 0.76 28.16 -0.28
N LYS B 181 0.15 29.37 -0.25
CA LYS B 181 0.51 30.45 0.69
C LYS B 181 0.59 29.84 2.12
N HIS B 182 -0.47 29.09 2.51
CA HIS B 182 -0.59 28.43 3.81
C HIS B 182 -1.54 27.24 3.73
N HIS B 183 -1.35 26.29 4.65
CA HIS B 183 -2.13 25.05 4.77
C HIS B 183 -2.69 24.96 6.18
N TYR B 184 -4.00 24.82 6.30
CA TYR B 184 -4.61 24.70 7.62
C TYR B 184 -5.28 23.36 7.83
N GLY B 185 -5.19 22.91 9.07
CA GLY B 185 -5.88 21.75 9.59
C GLY B 185 -6.69 22.22 10.79
N VAL B 186 -8.01 21.97 10.77
CA VAL B 186 -8.89 22.32 11.87
C VAL B 186 -9.59 21.03 12.40
N GLU B 187 -9.40 20.75 13.71
CA GLU B 187 -9.98 19.61 14.40
C GLU B 187 -10.67 20.03 15.72
N LYS B 188 -11.93 19.63 15.89
CA LYS B 188 -12.74 19.93 17.07
C LYS B 188 -12.44 18.96 18.19
N ALA B 189 -12.30 17.65 17.90
CA ALA B 189 -12.08 16.58 18.88
C ALA B 189 -10.79 16.76 19.70
N ASP B 190 -10.89 16.56 21.03
CA ASP B 190 -9.80 16.74 21.99
C ASP B 190 -8.58 15.85 21.77
N ILE B 191 -8.76 14.51 21.72
CA ILE B 191 -7.66 13.55 21.58
C ILE B 191 -6.89 13.75 20.26
N PRO B 192 -7.50 13.74 19.04
CA PRO B 192 -6.68 14.00 17.83
C PRO B 192 -6.03 15.39 17.77
N ALA B 193 -6.74 16.46 18.19
CA ALA B 193 -6.20 17.83 18.22
C ALA B 193 -4.95 17.95 19.10
N LYS B 194 -4.91 17.19 20.22
CA LYS B 194 -3.78 17.14 21.14
C LYS B 194 -2.62 16.37 20.51
N TYR B 195 -2.91 15.25 19.81
CA TYR B 195 -1.91 14.46 19.09
C TYR B 195 -1.33 15.26 17.92
N ALA B 196 -2.14 16.12 17.27
CA ALA B 196 -1.73 16.97 16.16
C ALA B 196 -0.62 17.93 16.57
N GLU B 197 -0.60 18.36 17.85
CA GLU B 197 0.42 19.27 18.40
C GLU B 197 1.80 18.62 18.37
N THR B 198 1.86 17.31 18.71
CA THR B 198 3.10 16.53 18.71
C THR B 198 3.49 16.23 17.26
N MET B 199 2.54 15.81 16.40
CA MET B 199 2.75 15.53 14.96
C MET B 199 3.41 16.72 14.28
N ASP B 200 2.91 17.91 14.55
CA ASP B 200 3.42 19.19 14.06
C ASP B 200 4.92 19.38 14.43
N ARG B 201 5.24 19.25 15.73
CA ARG B 201 6.61 19.36 16.23
C ARG B 201 7.51 18.28 15.63
N GLU B 202 7.05 17.01 15.61
CA GLU B 202 7.81 15.88 15.08
C GLU B 202 8.04 15.98 13.56
N PHE B 203 7.04 16.49 12.82
CA PHE B 203 7.14 16.65 11.37
C PHE B 203 8.23 17.64 11.03
N ARG B 204 8.21 18.81 11.71
CA ARG B 204 9.21 19.87 11.53
C ARG B 204 10.60 19.36 11.89
N LYS B 205 10.72 18.54 12.99
CA LYS B 205 11.99 17.96 13.47
C LYS B 205 12.54 16.96 12.46
N TRP B 206 11.70 15.99 11.99
CA TRP B 206 12.16 14.99 11.02
C TRP B 206 12.47 15.60 9.65
N MET B 207 11.67 16.55 9.17
CA MET B 207 11.94 17.22 7.90
C MET B 207 13.28 17.94 7.93
N LYS B 208 13.65 18.56 9.08
CA LYS B 208 14.95 19.26 9.27
C LYS B 208 16.07 18.22 9.24
N TRP B 209 15.83 17.03 9.87
CA TRP B 209 16.76 15.90 9.99
C TRP B 209 17.24 15.40 8.64
N TYR B 210 16.30 15.21 7.70
CA TYR B 210 16.54 14.75 6.33
C TYR B 210 16.95 15.87 5.42
N GLY B 211 16.75 17.10 5.88
CA GLY B 211 17.08 18.32 5.14
C GLY B 211 16.10 18.62 4.06
N LYS B 212 14.82 18.31 4.29
CA LYS B 212 13.71 18.52 3.34
C LYS B 212 12.88 19.79 3.62
N LYS B 213 12.35 20.38 2.56
CA LYS B 213 11.55 21.60 2.54
C LYS B 213 10.05 21.28 2.52
N HIS B 214 9.25 22.16 3.15
CA HIS B 214 7.79 22.07 3.15
C HIS B 214 7.23 23.48 3.14
N ALA B 215 5.96 23.59 2.75
CA ALA B 215 5.21 24.84 2.74
C ALA B 215 4.78 25.15 4.18
N GLU B 216 4.34 26.38 4.44
CA GLU B 216 3.88 26.73 5.77
C GLU B 216 2.54 26.06 6.05
N TYR B 217 2.35 25.60 7.28
CA TYR B 217 1.10 24.97 7.66
C TYR B 217 0.80 25.24 9.14
N THR B 218 -0.49 25.17 9.51
CA THR B 218 -0.93 25.32 10.88
C THR B 218 -1.94 24.23 11.17
N LEU B 219 -1.77 23.52 12.31
CA LEU B 219 -2.73 22.54 12.79
C LEU B 219 -3.37 23.16 14.03
N GLU B 220 -4.67 23.44 13.97
CA GLU B 220 -5.35 24.11 15.08
C GLU B 220 -6.60 23.40 15.56
N ARG B 221 -6.93 23.62 16.84
CA ARG B 221 -8.12 23.11 17.50
C ARG B 221 -9.24 24.11 17.18
N GLY B 222 -10.43 23.61 16.85
CA GLY B 222 -11.56 24.47 16.54
C GLY B 222 -12.71 23.76 15.89
N ASP B 223 -13.86 24.46 15.83
CA ASP B 223 -15.10 24.01 15.22
C ASP B 223 -15.22 24.79 13.91
N PHE B 224 -15.19 24.10 12.76
CA PHE B 224 -15.27 24.77 11.46
C PHE B 224 -16.66 25.34 11.16
N LEU B 225 -17.63 25.12 12.06
CA LEU B 225 -18.98 25.66 11.91
C LEU B 225 -19.19 26.91 12.78
N SER B 226 -18.13 27.37 13.46
CA SER B 226 -18.16 28.56 14.32
C SER B 226 -18.21 29.85 13.47
N GLU B 227 -18.56 31.00 14.09
CA GLU B 227 -18.60 32.29 13.38
C GLU B 227 -17.21 32.69 12.85
N GLU B 228 -16.15 32.40 13.64
CA GLU B 228 -14.74 32.63 13.31
C GLU B 228 -14.41 31.99 11.97
N TRP B 229 -14.79 30.69 11.80
CA TRP B 229 -14.52 29.90 10.61
C TRP B 229 -15.43 30.19 9.41
N ARG B 230 -16.47 31.01 9.57
CA ARG B 230 -17.36 31.40 8.48
C ARG B 230 -16.61 32.26 7.43
N GLU B 231 -15.90 33.30 7.89
CA GLU B 231 -15.12 34.22 7.03
C GLU B 231 -13.88 33.52 6.51
N ARG B 232 -13.31 32.59 7.32
CA ARG B 232 -12.13 31.79 6.98
C ARG B 232 -12.40 30.84 5.83
N ILE B 233 -13.55 30.15 5.82
CA ILE B 233 -13.97 29.26 4.73
C ILE B 233 -14.19 30.10 3.45
N ALA B 234 -14.83 31.26 3.60
CA ALA B 234 -15.11 32.21 2.51
C ALA B 234 -13.85 32.68 1.79
N ASN B 235 -12.69 32.70 2.49
CA ASN B 235 -11.39 33.15 1.95
C ASN B 235 -10.44 32.00 1.57
N THR B 236 -10.90 30.75 1.70
CA THR B 236 -10.15 29.56 1.33
C THR B 236 -10.38 29.28 -0.16
N SER B 237 -9.30 28.99 -0.90
CA SER B 237 -9.45 28.69 -2.33
C SER B 237 -9.55 27.18 -2.56
N VAL B 238 -8.97 26.35 -1.63
CA VAL B 238 -8.99 24.88 -1.73
C VAL B 238 -9.40 24.26 -0.38
N ILE B 239 -10.58 23.63 -0.34
CA ILE B 239 -11.06 22.92 0.84
C ILE B 239 -11.00 21.39 0.57
N PHE B 240 -10.46 20.62 1.52
CA PHE B 240 -10.45 19.14 1.50
C PHE B 240 -11.33 18.75 2.68
N VAL B 241 -12.36 17.92 2.47
CA VAL B 241 -13.25 17.57 3.57
C VAL B 241 -13.71 16.16 3.45
N ASN B 242 -13.41 15.35 4.47
CA ASN B 242 -13.90 13.99 4.51
C ASN B 242 -15.28 14.07 5.18
N ASN B 243 -16.30 14.26 4.35
CA ASN B 243 -17.69 14.42 4.79
C ASN B 243 -18.48 13.10 4.78
N PHE B 244 -17.81 11.94 4.57
CA PHE B 244 -18.50 10.66 4.49
C PHE B 244 -19.48 10.40 5.67
N ALA B 245 -19.03 10.66 6.90
CA ALA B 245 -19.82 10.44 8.10
C ALA B 245 -20.66 11.65 8.59
N PHE B 246 -20.71 12.77 7.85
CA PHE B 246 -21.46 13.96 8.31
C PHE B 246 -22.97 13.80 8.30
N GLY B 247 -23.61 14.31 9.35
CA GLY B 247 -25.06 14.29 9.52
C GLY B 247 -25.75 15.31 8.62
N PRO B 248 -27.10 15.40 8.64
CA PRO B 248 -27.77 16.38 7.76
C PRO B 248 -27.53 17.83 8.18
N GLU B 249 -27.49 18.06 9.51
CA GLU B 249 -27.28 19.36 10.12
C GLU B 249 -25.88 19.92 9.80
N VAL B 250 -24.87 19.05 9.84
CA VAL B 250 -23.48 19.41 9.55
C VAL B 250 -23.34 19.71 8.05
N ASP B 251 -23.93 18.83 7.20
CA ASP B 251 -23.92 18.96 5.75
C ASP B 251 -24.59 20.25 5.30
N HIS B 252 -25.77 20.55 5.88
CA HIS B 252 -26.54 21.75 5.58
C HIS B 252 -25.78 23.01 5.97
N GLN B 253 -25.13 23.02 7.16
CA GLN B 253 -24.36 24.17 7.61
C GLN B 253 -23.11 24.38 6.73
N LEU B 254 -22.41 23.28 6.35
CA LEU B 254 -21.24 23.34 5.48
C LEU B 254 -21.57 23.95 4.13
N LYS B 255 -22.69 23.51 3.53
CA LYS B 255 -23.19 24.04 2.26
C LYS B 255 -23.43 25.56 2.37
N GLU B 256 -23.95 26.02 3.53
CA GLU B 256 -24.20 27.43 3.83
C GLU B 256 -22.87 28.22 3.81
N ARG B 257 -21.79 27.65 4.39
CA ARG B 257 -20.43 28.21 4.42
C ARG B 257 -19.78 28.24 3.03
N PHE B 258 -19.99 27.17 2.23
CA PHE B 258 -19.46 27.05 0.87
C PHE B 258 -20.05 28.10 -0.06
N ALA B 259 -21.33 28.47 0.18
CA ALA B 259 -22.11 29.45 -0.58
C ALA B 259 -21.53 30.88 -0.52
N ASN B 260 -20.62 31.14 0.44
CA ASN B 260 -19.96 32.44 0.59
C ASN B 260 -18.57 32.45 -0.06
N MET B 261 -18.14 31.32 -0.66
CA MET B 261 -16.83 31.20 -1.32
C MET B 261 -16.75 31.97 -2.65
N LYS B 262 -15.52 32.31 -3.07
CA LYS B 262 -15.25 33.06 -4.31
C LYS B 262 -15.40 32.18 -5.56
N GLU B 263 -15.67 32.80 -6.73
CA GLU B 263 -15.76 32.08 -8.01
C GLU B 263 -14.48 31.28 -8.20
N GLY B 264 -14.60 30.03 -8.63
CA GLY B 264 -13.43 29.19 -8.86
C GLY B 264 -12.86 28.49 -7.63
N GLY B 265 -13.40 28.80 -6.44
CA GLY B 265 -13.04 28.14 -5.20
C GLY B 265 -13.39 26.67 -5.31
N ARG B 266 -12.57 25.79 -4.73
CA ARG B 266 -12.78 24.34 -4.88
C ARG B 266 -12.91 23.57 -3.58
N ILE B 267 -13.76 22.52 -3.59
CA ILE B 267 -13.99 21.61 -2.48
C ILE B 267 -13.79 20.18 -2.98
N VAL B 268 -12.86 19.44 -2.35
CA VAL B 268 -12.52 18.05 -2.66
C VAL B 268 -13.01 17.21 -1.46
N SER B 269 -14.02 16.36 -1.70
CA SER B 269 -14.65 15.57 -0.65
C SER B 269 -14.78 14.10 -0.95
N SER B 270 -15.17 13.33 0.08
CA SER B 270 -15.36 11.88 0.01
C SER B 270 -16.78 11.50 -0.51
N LYS B 271 -17.77 12.38 -0.35
CA LYS B 271 -19.16 12.24 -0.80
C LYS B 271 -19.52 13.58 -1.51
N PRO B 272 -20.24 13.62 -2.68
CA PRO B 272 -20.56 14.93 -3.29
C PRO B 272 -21.54 15.72 -2.43
N PHE B 273 -21.47 17.05 -2.52
CA PHE B 273 -22.40 17.94 -1.81
C PHE B 273 -23.58 18.28 -2.69
N ALA B 274 -23.48 17.96 -3.99
CA ALA B 274 -24.56 18.23 -4.95
C ALA B 274 -24.61 17.07 -5.95
N PRO B 275 -25.80 16.75 -6.53
CA PRO B 275 -25.86 15.62 -7.48
C PRO B 275 -24.95 15.86 -8.68
N LEU B 276 -24.39 14.79 -9.20
CA LEU B 276 -23.49 14.84 -10.34
C LEU B 276 -24.19 15.22 -11.63
N ASN B 277 -25.51 14.95 -11.69
CA ASN B 277 -26.41 15.18 -12.81
C ASN B 277 -27.37 16.33 -12.50
N PHE B 278 -26.97 17.26 -11.62
CA PHE B 278 -27.82 18.39 -11.22
C PHE B 278 -28.31 19.23 -12.40
N ARG B 279 -29.64 19.30 -12.54
CA ARG B 279 -30.34 20.10 -13.55
C ARG B 279 -31.23 21.12 -12.81
N ILE B 280 -30.88 22.41 -12.91
CA ILE B 280 -31.57 23.54 -12.30
C ILE B 280 -33.02 23.70 -12.80
N ASN B 281 -33.95 23.91 -11.87
CA ASN B 281 -35.38 24.11 -12.12
C ASN B 281 -36.00 25.03 -11.06
N SER B 282 -37.32 25.25 -11.12
CA SER B 282 -38.02 26.11 -10.18
C SER B 282 -38.13 25.56 -8.74
N ARG B 283 -38.00 24.23 -8.56
CA ARG B 283 -38.14 23.57 -7.26
C ARG B 283 -36.82 23.27 -6.51
N ASN B 284 -35.66 23.44 -7.18
CA ASN B 284 -34.35 23.20 -6.55
C ASN B 284 -33.43 24.44 -6.56
N LEU B 285 -33.99 25.64 -6.65
CA LEU B 285 -33.22 26.89 -6.69
C LEU B 285 -32.38 27.20 -5.45
N SER B 286 -32.70 26.56 -4.32
CA SER B 286 -32.01 26.76 -3.04
C SER B 286 -30.90 25.75 -2.80
N ASP B 287 -30.77 24.79 -3.71
CA ASP B 287 -29.76 23.74 -3.64
C ASP B 287 -28.39 24.31 -3.99
N ILE B 288 -27.34 23.83 -3.32
CA ILE B 288 -25.98 24.29 -3.60
C ILE B 288 -25.54 23.98 -5.06
N GLY B 289 -26.21 23.01 -5.72
CA GLY B 289 -25.96 22.64 -7.10
C GLY B 289 -26.14 23.77 -8.11
N THR B 290 -26.85 24.83 -7.71
CA THR B 290 -27.12 26.00 -8.54
C THR B 290 -25.89 26.94 -8.64
N ILE B 291 -24.89 26.77 -7.75
CA ILE B 291 -23.71 27.65 -7.71
C ILE B 291 -22.40 26.87 -7.74
N MET B 292 -22.45 25.54 -8.05
CA MET B 292 -21.22 24.75 -8.14
C MET B 292 -21.31 23.62 -9.15
N ARG B 293 -20.16 23.33 -9.79
CA ARG B 293 -19.97 22.21 -10.72
C ARG B 293 -19.45 21.06 -9.89
N VAL B 294 -19.84 19.82 -10.22
CA VAL B 294 -19.41 18.63 -9.46
C VAL B 294 -18.91 17.59 -10.43
N VAL B 295 -17.71 17.08 -10.21
CA VAL B 295 -17.13 16.00 -11.03
C VAL B 295 -16.62 14.86 -10.16
N GLU B 296 -16.85 13.63 -10.61
CA GLU B 296 -16.33 12.46 -9.89
C GLU B 296 -14.97 12.13 -10.46
N LEU B 297 -13.98 12.09 -9.59
CA LEU B 297 -12.62 11.77 -9.96
C LEU B 297 -12.22 10.47 -9.28
N SER B 298 -11.34 9.71 -9.91
CA SER B 298 -10.93 8.42 -9.37
C SER B 298 -9.55 8.00 -9.86
N PRO B 299 -8.71 7.43 -8.97
CA PRO B 299 -7.43 6.88 -9.45
C PRO B 299 -7.60 5.78 -10.54
N LEU B 300 -8.71 5.03 -10.55
CA LEU B 300 -9.04 4.03 -11.58
C LEU B 300 -9.24 4.62 -12.99
N LYS B 301 -9.59 5.92 -13.10
CA LYS B 301 -9.80 6.59 -14.38
C LYS B 301 -8.47 7.09 -14.95
N SER B 305 -2.02 4.02 -13.83
CA SER B 305 -1.85 2.62 -13.43
C SER B 305 -2.03 2.39 -11.89
N TRP B 306 -3.32 2.36 -11.45
CA TRP B 306 -3.77 2.19 -10.04
C TRP B 306 -4.06 0.74 -9.67
N THR B 307 -3.60 0.32 -8.49
CA THR B 307 -3.76 -1.05 -7.98
C THR B 307 -4.31 -1.09 -6.53
N GLY B 308 -4.80 0.02 -5.99
CA GLY B 308 -5.38 0.05 -4.64
C GLY B 308 -6.90 -0.08 -4.66
N LYS B 309 -7.58 0.44 -3.60
CA LYS B 309 -9.04 0.41 -3.42
C LYS B 309 -9.78 1.13 -4.55
N PRO B 310 -10.99 0.65 -4.95
CA PRO B 310 -11.74 1.34 -6.02
C PRO B 310 -12.47 2.59 -5.48
N VAL B 311 -11.72 3.62 -5.13
CA VAL B 311 -12.26 4.83 -4.55
C VAL B 311 -12.49 5.94 -5.55
N SER B 312 -13.35 6.87 -5.14
CA SER B 312 -13.68 8.08 -5.86
C SER B 312 -13.65 9.25 -4.89
N TYR B 313 -13.30 10.41 -5.41
CA TYR B 313 -13.36 11.66 -4.68
C TYR B 313 -14.08 12.63 -5.58
N TYR B 314 -14.64 13.68 -5.00
CA TYR B 314 -15.50 14.62 -5.70
C TYR B 314 -14.97 16.02 -5.67
N LEU B 315 -14.80 16.61 -6.86
CA LEU B 315 -14.32 17.99 -7.02
C LEU B 315 -15.49 18.94 -7.36
N HIS B 316 -15.72 19.92 -6.49
CA HIS B 316 -16.75 20.95 -6.61
C HIS B 316 -16.06 22.28 -6.87
N THR B 317 -16.52 23.01 -7.89
CA THR B 317 -15.95 24.32 -8.24
C THR B 317 -17.05 25.37 -8.23
N ILE B 318 -16.88 26.41 -7.38
CA ILE B 318 -17.84 27.51 -7.29
C ILE B 318 -17.97 28.17 -8.67
N ASP B 319 -19.19 28.15 -9.21
CA ASP B 319 -19.57 28.71 -10.51
C ASP B 319 -21.01 29.22 -10.44
N ARG B 320 -21.15 30.54 -10.25
CA ARG B 320 -22.45 31.20 -10.14
C ARG B 320 -23.12 31.45 -11.48
N THR B 321 -22.44 31.11 -12.60
CA THR B 321 -23.02 31.26 -13.94
C THR B 321 -24.17 30.27 -14.15
N ILE B 322 -24.15 29.12 -13.44
CA ILE B 322 -25.23 28.12 -13.50
C ILE B 322 -26.55 28.83 -13.13
N LEU B 323 -26.52 29.60 -12.01
CA LEU B 323 -27.64 30.41 -11.49
C LEU B 323 -27.95 31.60 -12.39
N GLU B 324 -26.91 32.37 -12.84
CA GLU B 324 -27.00 33.51 -13.75
C GLU B 324 -27.76 33.16 -15.03
N ASN B 325 -27.44 31.98 -15.61
CA ASN B 325 -28.04 31.50 -16.85
C ASN B 325 -29.51 31.13 -16.71
N TYR B 326 -29.89 30.53 -15.56
CA TYR B 326 -31.26 30.15 -15.27
C TYR B 326 -32.16 31.39 -15.28
N PHE B 327 -31.73 32.47 -14.58
CA PHE B 327 -32.46 33.74 -14.52
C PHE B 327 -32.55 34.43 -15.88
N SER B 328 -31.46 34.43 -16.67
CA SER B 328 -31.42 35.00 -18.02
C SER B 328 -32.44 34.31 -18.93
N SER B 329 -32.55 32.97 -18.79
CA SER B 329 -33.50 32.14 -19.54
C SER B 329 -34.95 32.43 -19.18
N LEU B 330 -35.25 32.79 -17.90
CA LEU B 330 -36.63 33.11 -17.49
C LEU B 330 -37.06 34.49 -18.00
N LYS B 331 -36.08 35.43 -18.11
CA LYS B 331 -36.31 36.80 -18.57
C LYS B 331 -36.41 36.90 -20.10
N ASN B 332 -35.97 35.84 -20.83
CA ASN B 332 -36.02 35.77 -22.30
C ASN B 332 -36.92 34.64 -22.77
#